data_2IY7
#
_entry.id   2IY7
#
_cell.length_a   64.024
_cell.length_b   65.346
_cell.length_c   106.403
_cell.angle_alpha   90.00
_cell.angle_beta   90.00
_cell.angle_gamma   90.00
#
_symmetry.space_group_name_H-M   'P 21 21 21'
#
loop_
_entity.id
_entity.type
_entity.pdbx_description
1 polymer LPHA-2,3/2,6-SIALYLTRANSFERASE/SIALIDASE
2 non-polymer "CYTIDINE-5'-MONOPHOSPHATE-3-FLUORO-N-ACETYL-NEURAMINIC ACID"
3 water water
#
_entity_poly.entity_id   1
_entity_poly.type   'polypeptide(L)'
_entity_poly.pdbx_seq_one_letter_code
;SKTITLYLDPASLPALNQL(MSE)DFTQNNEDKTHPRIFGLSRFKIPDNIITQYQNIHFVELKDNRPTEALFTILDQYPG
NIELNIHLNIAHSVQLIRPILAYRFKHLDRVSIQQLNLYDDGS(MSE)EYVDLEKEENKDISAEIKQAEKQLSHYLLTGK
IKFDNPTIARYVWQSAFPVKYHFLSTDYFEKAEFLQPLKEYLAENYQK(MSE)DWTAYQQLTPEQQAFYLTLVGFNDEVK
QSLEVQQAKFIFTGTTTWEGNTEVREYYAQQQLNLLNHFTQAEGDLFIGDHYKIYFKGHPRGGEINDYILNNAKNITNIP
ANISFEVL(MSE)(MSE)TGLLPDKVGGVASSLYFSLPKEKISHIIFTSNKQVKSKEDALNNPYVKV(MSE)RRLGIIDE
SQVIFWDSLKELG
;
_entity_poly.pdbx_strand_id   A
#
# COMPACT_ATOMS: atom_id res chain seq x y z
N SER A 1 -26.94 11.58 -14.33
CA SER A 1 -26.24 10.27 -14.34
C SER A 1 -26.63 9.42 -13.12
N LYS A 2 -25.95 8.29 -13.01
CA LYS A 2 -25.91 7.48 -11.82
C LYS A 2 -24.38 7.32 -11.69
N THR A 3 -23.82 7.59 -10.51
CA THR A 3 -22.39 7.40 -10.25
C THR A 3 -22.20 6.06 -9.55
N ILE A 4 -21.20 5.31 -10.01
CA ILE A 4 -20.84 4.04 -9.38
C ILE A 4 -19.38 4.20 -8.94
N THR A 5 -19.10 3.85 -7.69
CA THR A 5 -17.75 4.02 -7.15
C THR A 5 -17.08 2.67 -7.10
N LEU A 6 -15.86 2.58 -7.61
CA LEU A 6 -15.09 1.34 -7.63
C LEU A 6 -13.82 1.51 -6.81
N TYR A 7 -13.62 0.60 -5.87
CA TYR A 7 -12.48 0.62 -4.97
C TYR A 7 -11.63 -0.61 -5.29
N LEU A 8 -10.52 -0.42 -5.99
CA LEU A 8 -9.71 -1.57 -6.44
C LEU A 8 -8.27 -1.50 -5.93
N ASP A 9 -7.82 -2.60 -5.33
CA ASP A 9 -6.47 -2.69 -4.84
C ASP A 9 -6.01 -4.06 -4.42
N PRO A 10 -4.90 -4.53 -5.03
CA PRO A 10 -4.35 -5.84 -4.67
C PRO A 10 -3.47 -5.76 -3.39
N ALA A 11 -3.08 -4.56 -2.95
CA ALA A 11 -2.15 -4.41 -1.84
C ALA A 11 -2.78 -3.95 -0.55
N SER A 12 -2.05 -3.18 0.25
CA SER A 12 -2.56 -2.74 1.54
C SER A 12 -2.75 -1.23 1.60
N LEU A 13 -1.73 -0.45 1.21
CA LEU A 13 -1.83 1.04 1.32
C LEU A 13 -2.99 1.67 0.60
N PRO A 14 -3.17 1.37 -0.71
CA PRO A 14 -4.33 1.99 -1.39
C PRO A 14 -5.67 1.57 -0.72
N ALA A 15 -5.82 0.30 -0.35
CA ALA A 15 -7.01 -0.19 0.35
C ALA A 15 -7.26 0.58 1.66
N LEU A 16 -6.22 0.85 2.43
CA LEU A 16 -6.42 1.62 3.67
C LEU A 16 -7.06 2.99 3.41
N ASN A 17 -6.59 3.65 2.35
CA ASN A 17 -7.09 4.94 1.91
C ASN A 17 -8.52 4.84 1.37
N GLN A 18 -8.76 3.83 0.56
CA GLN A 18 -10.08 3.64 -0.04
C GLN A 18 -11.15 3.29 1.00
N LEU A 19 -10.78 2.48 1.99
CA LEU A 19 -11.70 2.14 3.08
C LEU A 19 -11.97 3.37 3.95
N ASP A 21 -12.05 6.42 2.59
CA ASP A 21 -12.99 7.14 1.75
C ASP A 21 -14.40 6.58 1.95
N PHE A 22 -14.50 5.26 1.97
CA PHE A 22 -15.81 4.61 2.20
C PHE A 22 -16.41 5.02 3.55
N THR A 23 -15.58 4.96 4.58
CA THR A 23 -16.00 5.32 5.93
C THR A 23 -16.50 6.77 5.99
N GLN A 24 -15.73 7.69 5.40
CA GLN A 24 -16.14 9.09 5.35
C GLN A 24 -17.51 9.31 4.66
N ASN A 25 -17.86 8.40 3.75
CA ASN A 25 -19.11 8.50 3.01
C ASN A 25 -20.12 7.45 3.47
N ASN A 26 -19.90 6.93 4.67
CA ASN A 26 -20.71 5.78 5.10
C ASN A 26 -22.15 6.11 5.51
N GLU A 27 -22.50 7.40 5.54
CA GLU A 27 -23.90 7.79 5.78
C GLU A 27 -24.81 7.40 4.59
N ASP A 28 -24.25 7.40 3.38
CA ASP A 28 -25.00 7.09 2.16
C ASP A 28 -25.06 5.55 2.05
N LYS A 29 -26.24 4.97 2.24
CA LYS A 29 -26.39 3.50 2.25
C LYS A 29 -26.77 2.88 0.90
N THR A 30 -27.11 3.71 -0.07
CA THR A 30 -27.56 3.19 -1.37
C THR A 30 -26.62 3.49 -2.55
N HIS A 31 -25.57 4.29 -2.34
CA HIS A 31 -24.59 4.60 -3.41
C HIS A 31 -23.97 3.30 -3.91
N PRO A 32 -24.03 3.06 -5.24
CA PRO A 32 -23.44 1.82 -5.77
C PRO A 32 -21.94 1.80 -5.63
N ARG A 33 -21.42 0.71 -5.08
CA ARG A 33 -20.01 0.55 -4.77
C ARG A 33 -19.59 -0.84 -5.15
N ILE A 34 -18.41 -0.93 -5.74
CA ILE A 34 -17.82 -2.21 -6.10
C ILE A 34 -16.45 -2.27 -5.42
N PHE A 35 -16.26 -3.25 -4.53
CA PHE A 35 -15.01 -3.43 -3.82
C PHE A 35 -14.19 -4.59 -4.42
N GLY A 36 -12.95 -4.30 -4.82
CA GLY A 36 -12.06 -5.36 -5.28
C GLY A 36 -10.77 -5.18 -4.48
N LEU A 37 -10.82 -5.53 -3.20
CA LEU A 37 -9.68 -5.36 -2.28
C LEU A 37 -9.17 -6.74 -1.85
N SER A 38 -8.04 -7.14 -2.41
CA SER A 38 -7.50 -8.48 -2.19
C SER A 38 -7.14 -8.80 -0.73
N ARG A 39 -6.75 -7.79 0.05
CA ARG A 39 -6.27 -8.01 1.41
C ARG A 39 -7.29 -7.64 2.50
N PHE A 40 -8.48 -7.20 2.08
CA PHE A 40 -9.48 -6.74 3.05
C PHE A 40 -10.87 -7.35 2.86
N LYS A 41 -11.47 -7.81 3.94
CA LYS A 41 -12.79 -8.40 3.85
C LYS A 41 -13.76 -7.53 4.63
N ILE A 42 -14.79 -7.02 3.96
CA ILE A 42 -15.80 -6.23 4.66
C ILE A 42 -16.70 -7.21 5.42
N PRO A 43 -16.82 -7.02 6.76
CA PRO A 43 -17.64 -7.89 7.58
C PRO A 43 -19.08 -7.92 7.09
N ASP A 44 -19.72 -9.09 7.17
CA ASP A 44 -21.12 -9.24 6.79
C ASP A 44 -22.05 -8.26 7.53
N ASN A 45 -21.79 -7.99 8.80
CA ASN A 45 -22.64 -7.08 9.57
C ASN A 45 -22.59 -5.64 9.05
N ILE A 46 -21.56 -5.32 8.27
CA ILE A 46 -21.46 -4.02 7.63
C ILE A 46 -22.13 -4.13 6.26
N ILE A 47 -21.83 -5.19 5.53
CA ILE A 47 -22.41 -5.40 4.21
C ILE A 47 -23.96 -5.29 4.23
N THR A 48 -24.61 -5.92 5.21
CA THR A 48 -26.07 -5.94 5.24
C THR A 48 -26.70 -4.56 5.43
N GLN A 49 -25.92 -3.60 5.89
CA GLN A 49 -26.38 -2.22 6.10
C GLN A 49 -26.47 -1.43 4.80
N TYR A 50 -25.85 -1.96 3.75
CA TYR A 50 -25.75 -1.26 2.48
C TYR A 50 -26.51 -1.95 1.36
N GLN A 51 -27.00 -1.14 0.44
CA GLN A 51 -27.60 -1.65 -0.77
C GLN A 51 -26.70 -1.25 -1.93
N ASN A 52 -26.85 -1.94 -3.06
CA ASN A 52 -26.01 -1.69 -4.24
C ASN A 52 -24.51 -1.82 -3.91
N ILE A 53 -24.18 -2.75 -3.02
CA ILE A 53 -22.79 -3.01 -2.62
C ILE A 53 -22.39 -4.33 -3.27
N HIS A 54 -21.24 -4.31 -3.95
CA HIS A 54 -20.81 -5.48 -4.72
C HIS A 54 -19.34 -5.75 -4.50
N PHE A 55 -18.93 -6.99 -4.81
CA PHE A 55 -17.56 -7.42 -4.64
C PHE A 55 -17.05 -8.14 -5.90
N VAL A 56 -15.79 -7.87 -6.23
CA VAL A 56 -15.17 -8.49 -7.40
C VAL A 56 -13.76 -9.02 -7.07
N GLU A 57 -13.45 -10.21 -7.57
CA GLU A 57 -12.13 -10.82 -7.40
C GLU A 57 -11.12 -10.11 -8.32
N LEU A 58 -9.87 -9.98 -7.86
CA LEU A 58 -8.79 -9.52 -8.73
C LEU A 58 -7.97 -10.74 -9.09
N LYS A 59 -7.49 -10.79 -10.34
CA LYS A 59 -6.61 -11.89 -10.76
C LYS A 59 -5.64 -11.25 -11.72
N ASP A 60 -4.35 -11.48 -11.52
CA ASP A 60 -3.33 -10.86 -12.37
C ASP A 60 -3.46 -9.31 -12.36
N ASN A 61 -3.77 -8.75 -11.20
CA ASN A 61 -3.87 -7.29 -11.04
C ASN A 61 -4.99 -6.62 -11.85
N ARG A 62 -6.06 -7.37 -12.10
CA ARG A 62 -7.21 -6.84 -12.81
C ARG A 62 -8.49 -7.47 -12.25
N PRO A 63 -9.58 -6.69 -12.21
CA PRO A 63 -10.83 -7.27 -11.73
C PRO A 63 -11.20 -8.34 -12.81
N THR A 64 -11.83 -9.43 -12.39
CA THR A 64 -12.19 -10.46 -13.34
C THR A 64 -13.41 -9.98 -14.11
N GLU A 65 -13.79 -10.71 -15.17
CA GLU A 65 -14.99 -10.39 -15.95
C GLU A 65 -16.32 -10.44 -15.15
N ALA A 66 -16.31 -10.97 -13.93
CA ALA A 66 -17.46 -10.86 -13.02
C ALA A 66 -17.89 -9.39 -12.84
N LEU A 67 -16.94 -8.47 -13.05
CA LEU A 67 -17.23 -7.03 -13.04
C LEU A 67 -18.34 -6.65 -14.02
N PHE A 68 -18.31 -7.24 -15.23
CA PHE A 68 -19.28 -6.89 -16.27
C PHE A 68 -20.70 -7.20 -15.82
N THR A 69 -20.86 -8.35 -15.18
CA THR A 69 -22.16 -8.79 -14.64
C THR A 69 -22.74 -7.74 -13.69
N ILE A 70 -21.90 -7.24 -12.79
CA ILE A 70 -22.32 -6.20 -11.87
C ILE A 70 -22.76 -4.93 -12.58
N LEU A 71 -21.92 -4.43 -13.48
CA LEU A 71 -22.25 -3.19 -14.18
C LEU A 71 -23.50 -3.30 -15.05
N ASP A 72 -23.74 -4.49 -15.58
CA ASP A 72 -24.92 -4.76 -16.41
C ASP A 72 -26.23 -4.54 -15.63
N GLN A 73 -26.14 -4.53 -14.30
CA GLN A 73 -27.31 -4.31 -13.45
C GLN A 73 -27.73 -2.84 -13.35
N TYR A 74 -26.96 -1.94 -13.97
CA TYR A 74 -27.18 -0.46 -13.88
C TYR A 74 -27.35 0.03 -15.31
N PRO A 75 -28.60 0.03 -15.80
CA PRO A 75 -28.99 0.42 -17.17
C PRO A 75 -28.90 1.79 -17.72
N GLY A 76 -28.86 2.82 -16.88
CA GLY A 76 -28.92 4.15 -17.47
C GLY A 76 -27.54 4.68 -17.82
N ASN A 77 -27.41 5.99 -18.02
CA ASN A 77 -26.10 6.60 -18.15
C ASN A 77 -25.40 6.45 -16.79
N ILE A 78 -24.20 5.91 -16.82
CA ILE A 78 -23.46 5.70 -15.59
C ILE A 78 -22.08 6.33 -15.69
N GLU A 79 -21.70 6.99 -14.59
CA GLU A 79 -20.38 7.62 -14.45
C GLU A 79 -19.57 6.86 -13.40
N LEU A 80 -18.34 6.49 -13.74
CA LEU A 80 -17.52 5.71 -12.84
C LEU A 80 -16.52 6.57 -12.08
N ASN A 81 -16.59 6.45 -10.76
CA ASN A 81 -15.68 7.10 -9.85
C ASN A 81 -14.70 6.00 -9.40
N ILE A 82 -13.51 6.02 -10.01
CA ILE A 82 -12.59 4.90 -9.85
C ILE A 82 -11.41 5.17 -8.94
N HIS A 83 -11.22 4.30 -7.95
CA HIS A 83 -10.10 4.40 -7.00
C HIS A 83 -9.15 3.25 -7.29
N LEU A 84 -7.87 3.55 -7.55
CA LEU A 84 -6.90 2.53 -7.97
C LEU A 84 -5.52 2.66 -7.31
N ASN A 85 -4.80 1.56 -7.37
CA ASN A 85 -3.40 1.43 -6.98
C ASN A 85 -2.59 2.05 -8.15
N ILE A 86 -1.70 2.99 -7.85
CA ILE A 86 -0.90 3.65 -8.89
C ILE A 86 -0.01 2.68 -9.71
N ALA A 87 0.76 1.84 -9.02
CA ALA A 87 1.68 0.93 -9.70
C ALA A 87 0.97 0.00 -10.69
N HIS A 88 -0.25 -0.40 -10.33
CA HIS A 88 -0.98 -1.36 -11.13
C HIS A 88 -2.16 -0.71 -11.84
N SER A 89 -2.16 0.61 -11.94
CA SER A 89 -3.30 1.32 -12.55
C SER A 89 -3.67 0.88 -13.96
N VAL A 90 -2.67 0.65 -14.81
CA VAL A 90 -2.94 0.29 -16.20
C VAL A 90 -3.71 -1.03 -16.28
N GLN A 91 -3.31 -2.04 -15.49
CA GLN A 91 -4.03 -3.32 -15.55
C GLN A 91 -5.37 -3.28 -14.85
N LEU A 92 -5.44 -2.59 -13.71
CA LEU A 92 -6.66 -2.53 -12.91
C LEU A 92 -7.81 -1.89 -13.68
N ILE A 93 -7.48 -0.92 -14.52
CA ILE A 93 -8.49 -0.21 -15.30
C ILE A 93 -8.80 -0.91 -16.64
N ARG A 94 -8.00 -1.92 -17.00
CA ARG A 94 -8.16 -2.58 -18.31
C ARG A 94 -9.59 -3.10 -18.57
N PRO A 95 -10.15 -3.89 -17.64
CA PRO A 95 -11.52 -4.40 -17.85
C PRO A 95 -12.60 -3.28 -17.83
N ILE A 96 -12.39 -2.24 -17.04
CA ILE A 96 -13.31 -1.10 -17.00
C ILE A 96 -13.31 -0.40 -18.39
N LEU A 97 -12.13 -0.19 -18.96
CA LEU A 97 -12.06 0.40 -20.29
C LEU A 97 -12.70 -0.51 -21.35
N ALA A 98 -12.55 -1.82 -21.17
CA ALA A 98 -13.13 -2.82 -22.09
C ALA A 98 -14.64 -2.76 -22.05
N TYR A 99 -15.20 -2.57 -20.84
CA TYR A 99 -16.64 -2.45 -20.67
C TYR A 99 -17.14 -1.13 -21.27
N ARG A 100 -16.43 -0.03 -21.01
CA ARG A 100 -16.80 1.26 -21.59
C ARG A 100 -16.85 1.17 -23.13
N PHE A 101 -15.90 0.47 -23.75
CA PHE A 101 -15.87 0.30 -25.21
C PHE A 101 -17.18 -0.32 -25.72
N LYS A 102 -17.66 -1.31 -24.98
CA LYS A 102 -18.86 -2.05 -25.34
C LYS A 102 -20.12 -1.23 -25.12
N HIS A 103 -20.03 -0.25 -24.22
CA HIS A 103 -21.17 0.58 -23.86
C HIS A 103 -20.81 2.05 -23.90
N LEU A 104 -20.23 2.47 -25.04
CA LEU A 104 -19.67 3.81 -25.16
C LEU A 104 -20.68 4.94 -25.12
N ASP A 105 -21.93 4.60 -25.44
CA ASP A 105 -23.03 5.53 -25.44
C ASP A 105 -23.55 5.88 -24.03
N ARG A 106 -23.16 5.07 -23.05
CA ARG A 106 -23.79 5.10 -21.74
C ARG A 106 -22.83 5.20 -20.58
N VAL A 107 -21.65 4.61 -20.75
CA VAL A 107 -20.64 4.51 -19.69
C VAL A 107 -19.52 5.51 -19.91
N SER A 108 -19.23 6.31 -18.89
CA SER A 108 -18.13 7.26 -18.95
C SER A 108 -17.33 7.21 -17.65
N ILE A 109 -16.08 7.65 -17.72
CA ILE A 109 -15.23 7.72 -16.53
C ILE A 109 -15.35 9.13 -15.95
N GLN A 110 -15.85 9.22 -14.72
CA GLN A 110 -16.03 10.49 -14.06
C GLN A 110 -14.69 11.06 -13.55
N GLN A 111 -13.94 10.24 -12.84
CA GLN A 111 -12.66 10.64 -12.27
C GLN A 111 -11.88 9.46 -11.73
N LEU A 112 -10.57 9.68 -11.52
CA LEU A 112 -9.68 8.69 -10.95
C LEU A 112 -9.04 9.25 -9.70
N ASN A 113 -8.94 8.38 -8.70
CA ASN A 113 -8.18 8.67 -7.49
C ASN A 113 -7.14 7.55 -7.40
N LEU A 114 -5.86 7.90 -7.40
CA LEU A 114 -4.79 6.89 -7.43
C LEU A 114 -3.98 6.96 -6.15
N TYR A 115 -3.62 5.81 -5.60
CA TYR A 115 -2.87 5.75 -4.34
C TYR A 115 -1.65 4.86 -4.53
N ASP A 116 -0.54 5.22 -3.88
CA ASP A 116 0.67 4.41 -3.98
C ASP A 116 0.51 3.00 -3.43
N ASP A 117 0.99 2.05 -4.22
CA ASP A 117 1.14 0.66 -3.85
C ASP A 117 2.01 0.67 -2.57
N GLY A 118 3.04 1.50 -2.57
CA GLY A 118 3.94 1.63 -1.45
C GLY A 118 5.32 2.04 -1.95
N SER A 119 6.36 1.36 -1.47
CA SER A 119 7.74 1.67 -1.84
C SER A 119 8.06 1.36 -3.31
N GLU A 121 6.61 2.23 -6.16
CA GLU A 121 6.58 3.40 -7.05
C GLU A 121 7.85 4.22 -6.92
N TYR A 122 8.38 4.33 -5.70
CA TYR A 122 9.60 5.14 -5.44
C TYR A 122 10.86 4.46 -5.93
N VAL A 123 10.99 3.16 -5.68
CA VAL A 123 12.13 2.40 -6.20
C VAL A 123 12.12 2.49 -7.74
N ASP A 124 10.95 2.33 -8.35
CA ASP A 124 10.82 2.42 -9.81
C ASP A 124 11.17 3.81 -10.32
N LEU A 125 10.71 4.86 -9.63
CA LEU A 125 11.08 6.22 -10.06
C LEU A 125 12.58 6.47 -9.94
N GLU A 126 13.17 5.97 -8.85
CA GLU A 126 14.61 6.10 -8.63
C GLU A 126 15.38 5.53 -9.84
N LYS A 127 14.86 4.49 -10.49
CA LYS A 127 15.56 3.90 -11.67
C LYS A 127 15.47 4.73 -12.96
N GLU A 128 14.71 5.81 -12.92
CA GLU A 128 14.55 6.69 -14.08
C GLU A 128 15.47 7.91 -14.02
N GLU A 129 16.36 7.92 -13.02
CA GLU A 129 17.19 9.09 -12.73
C GLU A 129 17.94 9.73 -13.88
N ASN A 130 18.36 8.92 -14.86
CA ASN A 130 19.13 9.47 -15.98
C ASN A 130 18.35 9.72 -17.28
N LYS A 131 17.03 9.63 -17.23
CA LYS A 131 16.21 9.77 -18.42
C LYS A 131 15.80 11.21 -18.68
N ASP A 132 15.45 11.51 -19.93
CA ASP A 132 14.87 12.80 -20.27
C ASP A 132 13.38 12.68 -19.84
N ILE A 133 13.11 13.10 -18.60
CA ILE A 133 11.77 12.94 -18.01
C ILE A 133 10.66 13.56 -18.82
N SER A 134 10.90 14.78 -19.32
CA SER A 134 9.91 15.44 -20.18
C SER A 134 9.56 14.61 -21.43
N ALA A 135 10.58 14.07 -22.11
CA ALA A 135 10.37 13.25 -23.30
C ALA A 135 9.64 11.96 -22.96
N GLU A 136 9.97 11.37 -21.81
CA GLU A 136 9.30 10.14 -21.35
C GLU A 136 7.82 10.38 -21.14
N ILE A 137 7.50 11.50 -20.48
CA ILE A 137 6.12 11.90 -20.24
C ILE A 137 5.32 12.04 -21.53
N LYS A 138 5.91 12.72 -22.52
CA LYS A 138 5.24 12.96 -23.79
C LYS A 138 4.97 11.66 -24.52
N GLN A 139 5.93 10.74 -24.50
CA GLN A 139 5.76 9.44 -25.15
C GLN A 139 4.72 8.60 -24.40
N ALA A 140 4.75 8.64 -23.07
CA ALA A 140 3.73 7.92 -22.29
C ALA A 140 2.32 8.44 -22.58
N GLU A 141 2.15 9.75 -22.72
CA GLU A 141 0.84 10.31 -23.07
C GLU A 141 0.31 9.77 -24.40
N LYS A 142 1.19 9.73 -25.40
CA LYS A 142 0.86 9.18 -26.72
C LYS A 142 0.44 7.72 -26.62
N GLN A 143 1.21 6.92 -25.87
CA GLN A 143 0.88 5.50 -25.72
C GLN A 143 -0.37 5.26 -24.88
N LEU A 144 -0.66 6.17 -23.95
CA LEU A 144 -1.92 6.08 -23.19
C LEU A 144 -3.06 6.35 -24.16
N SER A 145 -2.91 7.36 -25.02
CA SER A 145 -3.91 7.64 -26.04
C SER A 145 -4.18 6.39 -26.88
N HIS A 146 -3.13 5.68 -27.29
CA HIS A 146 -3.31 4.42 -28.04
C HIS A 146 -4.09 3.39 -27.23
N TYR A 147 -3.81 3.32 -25.94
CA TYR A 147 -4.49 2.40 -25.06
C TYR A 147 -5.96 2.76 -24.98
N LEU A 148 -6.27 4.05 -24.86
CA LEU A 148 -7.67 4.44 -24.72
C LEU A 148 -8.41 4.28 -26.05
N LEU A 149 -7.72 4.41 -27.16
CA LEU A 149 -8.38 4.31 -28.46
C LEU A 149 -8.53 2.88 -28.98
N THR A 150 -7.56 2.01 -28.69
CA THR A 150 -7.51 0.67 -29.25
C THR A 150 -7.74 -0.43 -28.22
N GLY A 151 -7.60 -0.06 -26.95
CA GLY A 151 -7.72 -0.99 -25.84
C GLY A 151 -6.49 -1.88 -25.65
N LYS A 152 -5.39 -1.54 -26.34
CA LYS A 152 -4.16 -2.33 -26.30
C LYS A 152 -3.08 -1.58 -25.53
N ILE A 153 -2.33 -2.31 -24.71
CA ILE A 153 -1.31 -1.76 -23.83
C ILE A 153 0.09 -1.98 -24.38
N LYS A 154 0.80 -0.88 -24.58
CA LYS A 154 2.20 -0.96 -24.97
C LYS A 154 2.86 0.35 -24.55
N PHE A 155 3.60 0.28 -23.45
CA PHE A 155 4.29 1.43 -22.89
C PHE A 155 5.81 1.21 -22.87
N ASP A 156 6.55 2.10 -23.52
CA ASP A 156 8.01 2.06 -23.49
C ASP A 156 8.57 2.30 -22.08
N ASN A 157 7.84 3.08 -21.30
CA ASN A 157 8.25 3.38 -19.95
C ASN A 157 7.06 3.16 -19.05
N PRO A 158 6.86 1.91 -18.59
CA PRO A 158 5.75 1.58 -17.70
C PRO A 158 5.75 2.39 -16.41
N THR A 159 6.92 2.84 -15.94
CA THR A 159 6.95 3.61 -14.70
C THR A 159 6.32 5.00 -14.90
N ILE A 160 6.79 5.72 -15.90
CA ILE A 160 6.29 7.08 -16.15
C ILE A 160 4.82 7.05 -16.59
N ALA A 161 4.41 5.99 -17.27
CA ALA A 161 3.02 5.83 -17.72
C ALA A 161 2.03 5.87 -16.57
N ARG A 162 2.50 5.54 -15.37
CA ARG A 162 1.64 5.56 -14.19
C ARG A 162 1.16 6.96 -13.83
N TYR A 163 1.88 7.99 -14.29
CA TYR A 163 1.66 9.38 -13.91
C TYR A 163 1.09 10.30 -14.98
N VAL A 164 0.57 9.71 -16.06
CA VAL A 164 0.06 10.54 -17.16
C VAL A 164 -1.46 10.47 -17.36
N TRP A 165 -2.17 9.94 -16.36
CA TRP A 165 -3.63 9.82 -16.47
C TRP A 165 -4.34 11.16 -16.66
N GLN A 166 -3.70 12.26 -16.24
CA GLN A 166 -4.33 13.57 -16.39
C GLN A 166 -4.53 14.00 -17.83
N SER A 167 -3.77 13.39 -18.74
CA SER A 167 -3.89 13.70 -20.16
C SER A 167 -5.22 13.17 -20.69
N ALA A 168 -5.92 12.40 -19.87
CA ALA A 168 -7.16 11.78 -20.30
C ALA A 168 -8.35 11.94 -19.37
N PHE A 169 -8.11 11.95 -18.06
CA PHE A 169 -9.21 12.07 -17.12
C PHE A 169 -8.94 12.99 -15.95
N PRO A 170 -10.02 13.44 -15.29
CA PRO A 170 -9.81 14.26 -14.08
C PRO A 170 -9.17 13.24 -13.06
N VAL A 171 -8.07 13.64 -12.43
CA VAL A 171 -7.36 12.71 -11.55
C VAL A 171 -6.77 13.39 -10.34
N LYS A 172 -6.68 12.63 -9.24
CA LYS A 172 -5.98 13.06 -8.03
C LYS A 172 -5.08 11.92 -7.56
N TYR A 173 -3.78 12.20 -7.40
CA TYR A 173 -2.81 11.23 -6.89
C TYR A 173 -2.64 11.44 -5.41
N HIS A 174 -2.47 10.35 -4.67
CA HIS A 174 -2.28 10.42 -3.21
C HIS A 174 -0.96 9.69 -2.92
N PHE A 175 0.08 10.45 -2.59
CA PHE A 175 1.41 9.89 -2.45
C PHE A 175 1.80 9.61 -1.03
N LEU A 176 2.50 8.50 -0.85
CA LEU A 176 3.08 8.10 0.42
C LEU A 176 4.21 9.08 0.77
N SER A 177 4.86 9.64 -0.25
CA SER A 177 5.90 10.64 -0.06
C SER A 177 5.83 11.79 -1.05
N THR A 178 5.27 12.93 -0.65
CA THR A 178 5.31 14.09 -1.55
C THR A 178 6.72 14.69 -1.54
N ASP A 179 7.46 14.47 -0.46
CA ASP A 179 8.82 15.00 -0.38
C ASP A 179 9.70 14.44 -1.50
N TYR A 180 9.49 13.17 -1.86
CA TYR A 180 10.29 12.57 -2.91
C TYR A 180 10.20 13.35 -4.21
N PHE A 181 8.98 13.74 -4.57
CA PHE A 181 8.74 14.48 -5.81
C PHE A 181 9.27 15.87 -5.76
N GLU A 182 9.41 16.39 -4.54
CA GLU A 182 9.88 17.75 -4.33
C GLU A 182 11.35 17.85 -4.01
N LYS A 183 11.97 16.72 -3.64
CA LYS A 183 13.38 16.70 -3.27
C LYS A 183 14.28 16.04 -4.30
N ALA A 184 13.73 15.15 -5.13
CA ALA A 184 14.52 14.49 -6.17
C ALA A 184 14.57 15.42 -7.37
N GLU A 185 15.74 16.02 -7.58
CA GLU A 185 15.89 17.03 -8.62
C GLU A 185 15.57 16.52 -10.01
N PHE A 186 15.92 15.28 -10.30
CA PHE A 186 15.70 14.74 -11.62
C PHE A 186 14.23 14.62 -11.96
N LEU A 187 13.38 14.62 -10.91
CA LEU A 187 11.93 14.53 -11.09
C LEU A 187 11.26 15.88 -11.28
N GLN A 188 12.01 16.97 -11.27
CA GLN A 188 11.42 18.30 -11.46
C GLN A 188 10.40 18.38 -12.63
N PRO A 189 10.74 17.84 -13.82
CA PRO A 189 9.76 17.87 -14.93
C PRO A 189 8.41 17.15 -14.64
N LEU A 190 8.47 16.07 -13.85
CA LEU A 190 7.26 15.32 -13.50
C LEU A 190 6.48 16.03 -12.39
N LYS A 191 7.18 16.56 -11.39
CA LYS A 191 6.53 17.32 -10.33
C LYS A 191 5.77 18.51 -10.93
N GLU A 192 6.41 19.21 -11.87
CA GLU A 192 5.75 20.36 -12.52
C GLU A 192 4.58 19.93 -13.40
N TYR A 193 4.76 18.86 -14.16
CA TYR A 193 3.71 18.32 -15.01
C TYR A 193 2.46 17.99 -14.18
N LEU A 194 2.67 17.36 -13.03
CA LEU A 194 1.56 16.94 -12.16
C LEU A 194 0.81 18.12 -11.58
N ALA A 195 1.41 19.29 -11.68
CA ALA A 195 0.74 20.53 -11.34
C ALA A 195 0.00 20.41 -10.03
N GLU A 196 -1.31 20.60 -10.04
CA GLU A 196 -2.10 20.58 -8.81
C GLU A 196 -2.89 19.27 -8.66
N ASN A 197 -2.37 18.17 -9.19
CA ASN A 197 -3.12 16.90 -9.23
C ASN A 197 -2.69 15.87 -8.20
N TYR A 198 -1.84 16.26 -7.25
CA TYR A 198 -1.46 15.33 -6.20
C TYR A 198 -1.48 15.95 -4.80
N GLN A 199 -1.53 15.09 -3.80
CA GLN A 199 -1.49 15.47 -2.40
C GLN A 199 -0.92 14.30 -1.60
N LYS A 200 -0.50 14.54 -0.36
CA LYS A 200 0.00 13.45 0.47
C LYS A 200 -1.13 12.61 1.05
N ASP A 202 -3.25 11.40 3.82
CA ASP A 202 -3.53 12.12 5.06
C ASP A 202 -3.75 11.15 6.21
N TRP A 203 -2.67 10.92 6.98
CA TRP A 203 -2.71 9.94 8.06
C TRP A 203 -3.48 10.41 9.30
N THR A 204 -3.91 11.67 9.30
CA THR A 204 -4.68 12.23 10.43
C THR A 204 -6.17 12.14 10.15
N ALA A 205 -6.56 11.54 9.02
CA ALA A 205 -7.97 11.40 8.62
C ALA A 205 -8.79 10.64 9.65
N TYR A 206 -8.19 9.64 10.27
CA TYR A 206 -8.88 8.83 11.29
C TYR A 206 -9.33 9.69 12.47
N GLN A 207 -8.49 10.66 12.86
CA GLN A 207 -8.80 11.58 13.97
C GLN A 207 -9.96 12.51 13.67
N GLN A 208 -10.24 12.74 12.40
CA GLN A 208 -11.34 13.60 11.98
C GLN A 208 -12.68 12.86 11.86
N LEU A 209 -12.64 11.53 11.90
CA LEU A 209 -13.88 10.76 11.93
C LEU A 209 -14.57 10.89 13.30
N THR A 210 -15.89 10.69 13.33
CA THR A 210 -16.59 10.66 14.61
C THR A 210 -16.21 9.33 15.29
N PRO A 211 -16.36 9.25 16.62
CA PRO A 211 -16.04 8.01 17.34
C PRO A 211 -16.74 6.75 16.75
N GLU A 212 -18.00 6.90 16.32
CA GLU A 212 -18.72 5.76 15.71
C GLU A 212 -18.07 5.34 14.37
N GLN A 213 -17.65 6.32 13.57
CA GLN A 213 -16.95 6.02 12.31
C GLN A 213 -15.58 5.39 12.53
N GLN A 214 -14.89 5.82 13.59
CA GLN A 214 -13.58 5.27 13.94
C GLN A 214 -13.73 3.78 14.23
N ALA A 215 -14.77 3.42 14.98
CA ALA A 215 -15.02 2.02 15.31
C ALA A 215 -15.36 1.21 14.05
N PHE A 216 -16.12 1.84 13.16
CA PHE A 216 -16.49 1.26 11.85
C PHE A 216 -15.21 0.97 11.06
N TYR A 217 -14.33 1.96 10.96
CA TYR A 217 -13.09 1.81 10.23
C TYR A 217 -12.27 0.67 10.82
N LEU A 218 -12.15 0.62 12.14
CA LEU A 218 -11.36 -0.44 12.76
C LEU A 218 -11.87 -1.82 12.41
N THR A 219 -13.18 -1.99 12.26
CA THR A 219 -13.70 -3.31 11.90
C THR A 219 -13.36 -3.66 10.45
N LEU A 220 -13.31 -2.65 9.59
CA LEU A 220 -12.92 -2.88 8.20
C LEU A 220 -11.45 -3.31 8.10
N VAL A 221 -10.59 -2.81 8.99
CA VAL A 221 -9.16 -3.13 8.95
C VAL A 221 -8.70 -4.25 9.89
N GLY A 222 -9.64 -4.81 10.65
CA GLY A 222 -9.36 -5.96 11.49
C GLY A 222 -8.72 -5.70 12.83
N PHE A 223 -8.86 -4.47 13.36
CA PHE A 223 -8.25 -4.09 14.65
C PHE A 223 -9.17 -4.31 15.85
N ASN A 224 -9.17 -5.50 16.39
CA ASN A 224 -10.05 -5.86 17.49
C ASN A 224 -9.53 -5.41 18.87
N ASP A 225 -10.38 -5.57 19.90
CA ASP A 225 -10.05 -5.08 21.24
C ASP A 225 -8.94 -5.85 21.92
N GLU A 226 -8.80 -7.12 21.54
CA GLU A 226 -7.74 -7.97 22.08
C GLU A 226 -6.38 -7.46 21.62
N VAL A 227 -6.28 -7.08 20.35
CA VAL A 227 -5.04 -6.51 19.85
C VAL A 227 -4.78 -5.18 20.56
N LYS A 228 -5.80 -4.33 20.65
CA LYS A 228 -5.69 -3.05 21.34
C LYS A 228 -5.19 -3.24 22.76
N GLN A 229 -5.80 -4.17 23.50
CA GLN A 229 -5.40 -4.53 24.87
C GLN A 229 -3.93 -4.96 24.95
N SER A 230 -3.50 -5.79 24.00
CA SER A 230 -2.12 -6.28 24.01
C SER A 230 -1.12 -5.12 23.90
N LEU A 231 -1.57 -4.02 23.31
CA LEU A 231 -0.72 -2.84 23.09
C LEU A 231 -0.89 -1.75 24.15
N GLU A 232 -1.80 -1.96 25.11
CA GLU A 232 -2.08 -0.94 26.13
C GLU A 232 -1.32 -1.12 27.44
N VAL A 233 -0.46 -2.14 27.50
CA VAL A 233 0.39 -2.41 28.67
C VAL A 233 1.30 -1.19 28.96
N GLN A 234 1.66 -1.00 30.23
CA GLN A 234 2.47 0.16 30.65
C GLN A 234 3.94 0.10 30.24
N GLN A 235 4.42 -1.11 29.96
CA GLN A 235 5.83 -1.34 29.68
C GLN A 235 6.21 -0.76 28.35
N ALA A 236 7.48 -0.36 28.22
CA ALA A 236 8.00 0.13 26.92
C ALA A 236 7.86 -1.02 25.91
N LYS A 237 7.58 -0.68 24.65
CA LYS A 237 7.32 -1.69 23.62
C LYS A 237 8.22 -1.52 22.40
N PHE A 238 8.62 -2.66 21.84
CA PHE A 238 9.40 -2.72 20.59
C PHE A 238 8.66 -3.65 19.64
N ILE A 239 8.40 -3.15 18.44
CA ILE A 239 7.75 -4.00 17.44
C ILE A 239 8.78 -4.37 16.37
N PHE A 240 8.99 -5.66 16.18
CA PHE A 240 9.84 -6.14 15.11
C PHE A 240 8.92 -6.32 13.88
N THR A 241 9.28 -5.69 12.76
CA THR A 241 8.43 -5.78 11.57
C THR A 241 9.03 -6.74 10.56
N GLY A 242 8.19 -7.61 10.02
CA GLY A 242 8.63 -8.64 9.10
C GLY A 242 8.50 -8.22 7.65
N THR A 243 9.11 -9.00 6.77
CA THR A 243 9.06 -8.74 5.34
C THR A 243 8.60 -10.02 4.67
N THR A 244 8.68 -10.05 3.35
CA THR A 244 8.36 -11.27 2.63
C THR A 244 9.10 -11.28 1.32
N THR A 245 8.92 -12.37 0.57
CA THR A 245 9.42 -12.47 -0.80
C THR A 245 8.30 -13.00 -1.68
N TRP A 246 8.25 -12.55 -2.92
CA TRP A 246 7.25 -13.06 -3.85
C TRP A 246 7.75 -14.31 -4.55
N GLU A 247 9.05 -14.61 -4.39
CA GLU A 247 9.61 -15.82 -4.97
C GLU A 247 8.95 -17.05 -4.38
N GLY A 248 8.69 -18.03 -5.25
CA GLY A 248 8.08 -19.28 -4.84
C GLY A 248 9.14 -20.30 -4.42
N ASN A 249 10.35 -20.11 -4.94
CA ASN A 249 11.50 -20.95 -4.64
C ASN A 249 11.64 -21.21 -3.13
N THR A 250 11.59 -22.50 -2.77
CA THR A 250 11.62 -22.96 -1.36
C THR A 250 12.89 -22.52 -0.65
N GLU A 251 14.02 -22.69 -1.33
CA GLU A 251 15.32 -22.24 -0.81
C GLU A 251 15.33 -20.74 -0.48
N VAL A 252 14.81 -19.91 -1.37
CA VAL A 252 14.77 -18.45 -1.17
C VAL A 252 13.85 -18.12 0.01
N ARG A 253 12.69 -18.76 0.08
CA ARG A 253 11.73 -18.49 1.15
C ARG A 253 12.31 -18.90 2.51
N GLU A 254 12.99 -20.05 2.54
CA GLU A 254 13.59 -20.51 3.79
C GLU A 254 14.74 -19.61 4.18
N TYR A 255 15.49 -19.13 3.19
CA TYR A 255 16.59 -18.19 3.48
C TYR A 255 16.03 -16.91 4.11
N TYR A 256 14.99 -16.32 3.53
CA TYR A 256 14.35 -15.14 4.10
C TYR A 256 13.92 -15.39 5.54
N ALA A 257 13.25 -16.52 5.78
CA ALA A 257 12.76 -16.83 7.12
C ALA A 257 13.92 -16.94 8.12
N GLN A 258 15.00 -17.61 7.72
CA GLN A 258 16.17 -17.78 8.59
C GLN A 258 16.86 -16.46 8.87
N GLN A 259 17.05 -15.67 7.83
CA GLN A 259 17.74 -14.37 8.02
C GLN A 259 16.91 -13.43 8.90
N GLN A 260 15.59 -13.47 8.74
CA GLN A 260 14.70 -12.61 9.54
C GLN A 260 14.72 -12.97 11.03
N LEU A 261 14.74 -14.27 11.34
CA LEU A 261 14.83 -14.73 12.72
C LEU A 261 16.15 -14.27 13.34
N ASN A 262 17.23 -14.42 12.57
CA ASN A 262 18.54 -13.99 13.02
C ASN A 262 18.54 -12.49 13.30
N LEU A 263 17.92 -11.71 12.41
CA LEU A 263 17.80 -10.25 12.58
C LEU A 263 17.06 -9.89 13.88
N LEU A 264 15.97 -10.61 14.14
CA LEU A 264 15.24 -10.41 15.39
C LEU A 264 16.15 -10.63 16.59
N ASN A 265 16.95 -11.69 16.55
CA ASN A 265 17.88 -11.98 17.64
C ASN A 265 18.91 -10.87 17.81
N HIS A 266 19.35 -10.27 16.70
CA HIS A 266 20.28 -9.15 16.80
C HIS A 266 19.71 -7.94 17.52
N PHE A 267 18.39 -7.78 17.46
CA PHE A 267 17.70 -6.73 18.19
C PHE A 267 17.47 -7.11 19.65
N THR A 268 17.06 -8.36 19.89
CA THR A 268 16.58 -8.72 21.24
C THR A 268 17.56 -9.39 22.15
N GLN A 269 18.64 -9.93 21.59
CA GLN A 269 19.67 -10.61 22.38
C GLN A 269 20.82 -9.68 22.78
N ALA A 270 21.28 -9.82 24.02
CA ALA A 270 22.29 -8.90 24.58
C ALA A 270 23.57 -8.82 23.75
N GLU A 271 23.95 -9.92 23.12
CA GLU A 271 25.14 -9.96 22.24
C GLU A 271 24.87 -9.48 20.80
N GLY A 272 23.62 -9.12 20.50
CA GLY A 272 23.26 -8.70 19.15
C GLY A 272 23.88 -7.38 18.73
N ASP A 273 24.08 -7.21 17.43
CA ASP A 273 24.65 -5.98 16.86
C ASP A 273 23.70 -4.78 16.99
N LEU A 274 22.41 -5.06 17.19
CA LEU A 274 21.37 -4.03 17.24
C LEU A 274 20.62 -4.02 18.56
N PHE A 275 21.21 -4.64 19.57
CA PHE A 275 20.55 -4.80 20.87
C PHE A 275 19.89 -3.53 21.36
N ILE A 276 18.60 -3.65 21.67
CA ILE A 276 17.79 -2.51 22.06
C ILE A 276 17.82 -2.22 23.55
N GLY A 277 18.37 -3.16 24.32
CA GLY A 277 18.40 -3.01 25.76
C GLY A 277 17.37 -3.92 26.40
N ASP A 278 17.41 -4.02 27.72
CA ASP A 278 16.43 -4.81 28.45
C ASP A 278 15.17 -3.98 28.68
N HIS A 279 14.13 -4.64 29.16
CA HIS A 279 12.91 -3.94 29.59
C HIS A 279 11.93 -3.51 28.50
N TYR A 280 12.18 -3.89 27.24
CA TYR A 280 11.18 -3.69 26.19
C TYR A 280 10.31 -4.95 26.05
N LYS A 281 8.99 -4.76 26.06
CA LYS A 281 8.09 -5.85 25.68
C LYS A 281 8.15 -6.00 24.14
N ILE A 282 8.45 -7.21 23.67
CA ILE A 282 8.67 -7.47 22.23
C ILE A 282 7.42 -7.95 21.51
N TYR A 283 7.13 -7.33 20.36
CA TYR A 283 6.01 -7.72 19.52
C TYR A 283 6.49 -8.03 18.13
N PHE A 284 5.72 -8.86 17.43
CA PHE A 284 6.01 -9.15 16.03
C PHE A 284 4.85 -8.69 15.17
N LYS A 285 5.15 -7.91 14.15
CA LYS A 285 4.16 -7.49 13.16
C LYS A 285 4.61 -8.11 11.83
N GLY A 286 4.08 -9.30 11.50
CA GLY A 286 4.45 -9.97 10.26
C GLY A 286 3.91 -9.26 9.03
N HIS A 287 4.48 -9.56 7.86
CA HIS A 287 4.02 -8.97 6.62
C HIS A 287 2.67 -9.61 6.29
N PRO A 288 1.69 -8.84 5.77
CA PRO A 288 0.37 -9.39 5.42
C PRO A 288 0.41 -10.65 4.54
N ARG A 289 1.46 -10.79 3.74
CA ARG A 289 1.60 -11.96 2.89
C ARG A 289 2.86 -12.77 3.19
N GLY A 290 3.35 -12.69 4.44
CA GLY A 290 4.56 -13.43 4.82
C GLY A 290 4.40 -14.95 4.89
N GLY A 291 3.18 -15.43 5.16
CA GLY A 291 2.91 -16.87 5.17
C GLY A 291 3.81 -17.59 6.14
N GLU A 292 4.49 -18.64 5.67
CA GLU A 292 5.37 -19.43 6.54
C GLU A 292 6.56 -18.66 7.07
N ILE A 293 6.91 -17.55 6.42
CA ILE A 293 7.98 -16.69 6.94
C ILE A 293 7.56 -16.09 8.29
N ASN A 294 6.31 -15.64 8.37
CA ASN A 294 5.73 -15.20 9.64
C ASN A 294 5.73 -16.34 10.67
N ASP A 295 5.22 -17.50 10.28
CA ASP A 295 5.14 -18.64 11.19
C ASP A 295 6.51 -18.99 11.77
N TYR A 296 7.56 -18.82 10.97
CA TYR A 296 8.92 -19.20 11.39
C TYR A 296 9.36 -18.39 12.61
N ILE A 297 8.96 -17.13 12.65
CA ILE A 297 9.29 -16.27 13.77
C ILE A 297 8.57 -16.76 15.03
N LEU A 298 7.26 -16.93 14.93
CA LEU A 298 6.46 -17.33 16.09
C LEU A 298 6.83 -18.72 16.60
N ASN A 299 7.19 -19.61 15.69
CA ASN A 299 7.56 -20.97 16.05
C ASN A 299 8.95 -21.09 16.66
N ASN A 300 9.81 -20.12 16.42
CA ASN A 300 11.20 -20.22 16.86
C ASN A 300 11.68 -19.14 17.82
N ALA A 301 10.82 -18.16 18.13
CA ALA A 301 11.21 -17.08 19.04
C ALA A 301 10.61 -17.36 20.42
N LYS A 302 10.91 -16.53 21.42
CA LYS A 302 10.24 -16.69 22.71
C LYS A 302 9.86 -15.31 23.27
N ASN A 303 8.83 -15.26 24.12
CA ASN A 303 8.42 -14.02 24.78
C ASN A 303 8.16 -12.88 23.81
N ILE A 304 7.40 -13.20 22.76
CA ILE A 304 7.07 -12.22 21.73
C ILE A 304 5.57 -12.28 21.54
N THR A 305 4.95 -11.11 21.48
CA THR A 305 3.50 -11.04 21.32
C THR A 305 3.17 -10.77 19.86
N ASN A 306 2.42 -11.67 19.23
CA ASN A 306 2.04 -11.46 17.85
C ASN A 306 0.96 -10.40 17.66
N ILE A 307 1.16 -9.57 16.64
CA ILE A 307 0.12 -8.62 16.15
C ILE A 307 -0.27 -9.25 14.80
N PRO A 308 -1.51 -9.73 14.69
CA PRO A 308 -2.01 -10.39 13.47
C PRO A 308 -1.51 -9.74 12.20
N ALA A 309 -0.87 -10.53 11.34
CA ALA A 309 -0.22 -10.02 10.13
C ALA A 309 -1.12 -9.20 9.23
N ASN A 310 -2.43 -9.49 9.28
CA ASN A 310 -3.40 -8.82 8.39
C ASN A 310 -3.72 -7.40 8.83
N ILE A 311 -3.30 -7.03 10.03
CA ILE A 311 -3.52 -5.66 10.52
C ILE A 311 -2.38 -4.78 10.02
N SER A 312 -2.68 -3.82 9.15
CA SER A 312 -1.67 -2.90 8.66
C SER A 312 -1.07 -2.10 9.81
N PHE A 313 0.26 -1.96 9.77
CA PHE A 313 0.99 -1.26 10.81
C PHE A 313 0.47 0.15 11.08
N GLU A 314 0.06 0.85 10.02
CA GLU A 314 -0.38 2.25 10.13
C GLU A 314 -1.62 2.43 11.02
N VAL A 315 -2.33 1.33 11.25
CA VAL A 315 -3.51 1.39 12.12
C VAL A 315 -3.11 1.73 13.57
N LEU A 316 -1.92 1.30 13.98
CA LEU A 316 -1.38 1.63 15.30
C LEU A 316 -1.19 3.14 15.49
N THR A 319 -4.73 4.83 15.94
CA THR A 319 -5.30 4.55 17.25
C THR A 319 -4.43 5.03 18.43
N GLY A 320 -3.29 5.67 18.13
CA GLY A 320 -2.37 6.13 19.17
C GLY A 320 -1.70 5.02 19.98
N LEU A 321 -1.47 3.88 19.34
CA LEU A 321 -0.88 2.73 20.00
C LEU A 321 0.49 2.36 19.46
N LEU A 322 1.15 3.34 18.84
CA LEU A 322 2.51 3.12 18.41
C LEU A 322 3.42 2.79 19.61
N PRO A 323 4.38 1.87 19.38
CA PRO A 323 5.31 1.48 20.43
C PRO A 323 6.41 2.55 20.57
N ASP A 324 7.29 2.34 21.55
CA ASP A 324 8.42 3.25 21.72
C ASP A 324 9.39 3.12 20.56
N LYS A 325 9.63 1.89 20.12
CA LYS A 325 10.62 1.62 19.07
C LYS A 325 10.14 0.60 18.07
N VAL A 326 10.65 0.73 16.85
CA VAL A 326 10.27 -0.16 15.75
C VAL A 326 11.56 -0.49 14.96
N GLY A 327 11.76 -1.77 14.63
CA GLY A 327 12.88 -2.14 13.79
C GLY A 327 12.61 -3.39 12.95
N GLY A 328 13.40 -3.58 11.90
CA GLY A 328 13.24 -4.73 11.04
C GLY A 328 13.62 -4.40 9.61
N VAL A 329 13.17 -5.23 8.69
CA VAL A 329 13.48 -5.03 7.29
C VAL A 329 12.74 -3.83 6.69
N ALA A 330 13.42 -3.09 5.82
CA ALA A 330 12.82 -1.97 5.11
C ALA A 330 11.47 -2.38 4.53
N SER A 331 10.48 -1.53 4.78
CA SER A 331 9.14 -1.74 4.26
C SER A 331 8.46 -0.39 4.20
N SER A 332 7.37 -0.32 3.45
CA SER A 332 6.60 0.91 3.29
C SER A 332 6.12 1.58 4.59
N LEU A 333 5.96 0.80 5.68
CA LEU A 333 5.45 1.39 6.92
C LEU A 333 6.43 2.40 7.50
N TYR A 334 7.73 2.27 7.17
CA TYR A 334 8.74 3.23 7.63
C TYR A 334 8.65 4.61 6.96
N PHE A 335 7.92 4.69 5.85
CA PHE A 335 7.71 5.96 5.15
C PHE A 335 6.79 6.90 5.91
N SER A 336 5.95 6.35 6.79
CA SER A 336 5.00 7.17 7.57
C SER A 336 5.19 7.08 9.10
N LEU A 337 6.18 6.30 9.53
CA LEU A 337 6.45 6.13 10.95
C LEU A 337 7.17 7.35 11.50
N PRO A 338 6.69 7.91 12.65
CA PRO A 338 7.38 9.07 13.24
C PRO A 338 8.88 8.74 13.44
N LYS A 339 9.73 9.66 13.00
CA LYS A 339 11.17 9.42 13.00
C LYS A 339 11.73 8.98 14.34
N GLU A 340 11.18 9.48 15.45
CA GLU A 340 11.70 9.17 16.78
C GLU A 340 11.52 7.70 17.17
N LYS A 341 10.69 6.98 16.42
CA LYS A 341 10.38 5.58 16.78
C LYS A 341 11.25 4.55 16.08
N ILE A 342 12.13 5.00 15.19
CA ILE A 342 12.94 4.06 14.44
C ILE A 342 14.13 3.58 15.24
N SER A 343 14.24 2.27 15.38
CA SER A 343 15.40 1.68 16.02
C SER A 343 16.48 1.43 14.93
N HIS A 344 16.21 0.52 14.00
CA HIS A 344 17.09 0.32 12.88
C HIS A 344 16.31 -0.30 11.73
N ILE A 345 16.59 0.20 10.52
CA ILE A 345 16.00 -0.34 9.30
C ILE A 345 17.08 -1.15 8.58
N ILE A 346 16.74 -2.39 8.22
CA ILE A 346 17.69 -3.31 7.62
C ILE A 346 17.26 -3.66 6.20
N PHE A 347 18.23 -3.85 5.31
CA PHE A 347 17.92 -4.14 3.91
C PHE A 347 18.26 -5.57 3.57
N THR A 348 17.59 -6.13 2.58
CA THR A 348 17.81 -7.51 2.20
C THR A 348 18.86 -7.54 1.11
N SER A 349 19.59 -8.55 1.02
N ASN A 361 24.02 2.19 -7.11
CA ASN A 361 23.76 1.56 -5.80
C ASN A 361 22.26 1.20 -5.65
N ASN A 362 21.94 0.56 -4.53
CA ASN A 362 20.59 0.01 -4.28
C ASN A 362 19.53 1.11 -4.36
N PRO A 363 18.55 0.98 -5.27
CA PRO A 363 17.57 2.07 -5.37
C PRO A 363 16.70 2.31 -4.18
N TYR A 364 16.36 1.24 -3.45
CA TYR A 364 15.55 1.38 -2.22
C TYR A 364 16.35 2.16 -1.16
N VAL A 365 17.63 1.83 -1.03
CA VAL A 365 18.49 2.57 -0.10
C VAL A 365 18.52 4.05 -0.52
N LYS A 366 18.70 4.31 -1.82
CA LYS A 366 18.76 5.69 -2.32
C LYS A 366 17.50 6.46 -1.97
N VAL A 367 16.34 5.81 -2.13
CA VAL A 367 15.06 6.45 -1.83
C VAL A 367 15.03 6.85 -0.38
N ARG A 369 17.50 7.34 1.65
CA ARG A 369 18.49 8.39 1.88
C ARG A 369 17.97 9.76 1.46
N ARG A 370 17.38 9.84 0.27
CA ARG A 370 16.83 11.11 -0.22
C ARG A 370 15.80 11.66 0.73
N LEU A 371 14.99 10.76 1.29
CA LEU A 371 13.92 11.14 2.19
C LEU A 371 14.35 11.38 3.64
N GLY A 372 15.61 11.07 3.98
CA GLY A 372 16.13 11.23 5.35
C GLY A 372 15.61 10.20 6.34
N ILE A 373 15.01 9.13 5.81
CA ILE A 373 14.48 8.07 6.66
C ILE A 373 15.65 7.32 7.30
N ILE A 374 16.73 7.24 6.52
CA ILE A 374 18.01 6.72 6.99
C ILE A 374 19.08 7.81 6.71
N ASP A 375 20.18 7.77 7.47
CA ASP A 375 21.22 8.77 7.34
C ASP A 375 22.34 8.36 6.38
N GLU A 376 23.44 9.10 6.41
CA GLU A 376 24.56 8.93 5.50
C GLU A 376 25.44 7.70 5.71
N SER A 377 25.42 7.17 6.95
CA SER A 377 26.24 6.02 7.34
C SER A 377 25.93 4.76 6.53
N GLN A 378 26.87 3.81 6.51
CA GLN A 378 26.71 2.59 5.73
C GLN A 378 25.47 1.85 6.21
N VAL A 379 24.65 1.40 5.26
CA VAL A 379 23.44 0.67 5.61
C VAL A 379 23.81 -0.75 6.02
N ILE A 380 22.91 -1.38 6.75
CA ILE A 380 23.13 -2.74 7.16
C ILE A 380 22.27 -3.67 6.31
N PHE A 381 22.92 -4.61 5.63
CA PHE A 381 22.21 -5.67 4.91
C PHE A 381 22.17 -6.87 5.87
N TRP A 382 21.12 -7.66 5.79
CA TRP A 382 20.97 -8.71 6.79
C TRP A 382 21.93 -9.88 6.69
N ASP A 383 22.62 -10.01 5.54
CA ASP A 383 23.64 -11.06 5.34
C ASP A 383 25.01 -10.66 5.91
N SER A 384 25.11 -9.44 6.45
CA SER A 384 26.33 -8.97 7.11
C SER A 384 26.30 -9.25 8.63
N LEU A 385 25.20 -9.86 9.08
CA LEU A 385 24.97 -10.10 10.50
C LEU A 385 25.33 -11.53 10.84
N LYS A 386 26.17 -11.66 11.86
CA LYS A 386 26.60 -12.96 12.35
C LYS A 386 25.39 -13.83 12.74
N GLU A 387 25.49 -15.14 12.49
CA GLU A 387 24.44 -16.06 12.89
C GLU A 387 24.57 -16.29 14.40
N LEU A 388 23.67 -15.70 15.17
CA LEU A 388 23.73 -15.82 16.64
C LEU A 388 23.30 -17.21 17.09
N GLY A 389 24.07 -17.82 17.98
CA GLY A 389 23.77 -19.18 18.44
C GLY A 389 24.76 -20.22 17.91
#